data_9HJK
#
_entry.id   9HJK
#
_cell.length_a   1.00
_cell.length_b   1.00
_cell.length_c   1.00
_cell.angle_alpha   90.00
_cell.angle_beta   90.00
_cell.angle_gamma   90.00
#
_symmetry.space_group_name_H-M   'P 1'
#
loop_
_entity.id
_entity.type
_entity.pdbx_description
1 polymer 'Cationic amino acid transporter 4, vacuolar'
2 polymer SybB5
3 non-polymer CHOLESTEROL
4 non-polymer 'Lauryl Maltose Neopentyl Glycol'
5 water water
#
loop_
_entity_poly.entity_id
_entity_poly.type
_entity_poly.pdbx_seq_one_letter_code
_entity_poly.pdbx_strand_id
1 'polypeptide(L)'
;PHQLAKKLSAVDLVAIGVGTTIGAGVYILVGTVAREHTGPALAVSFFIAGVAAALSACCYAELASRCPSAGSAYHYAYIC
LGEGIAWLVGWALVLDYTIGGSAIARGITPNLASFFGGLDNLPVFLARQTIPGVGIVVDPCAALLIMIVTILLCFGIKES
STVQAIVTSVNVCTLVFIIVVGGYLACKTGWVGYDLPSGYFPFGLNGILAGSAVVFFSYIGFDTVTSTAEEVKNPQRDLP
LGIGIALLICCILYMLLSVVIVGLVPYYSLNPDTPISSAFGDSGMQWAAYILTTGAITALCASLLGSLLAQPRIFMAMAR
DGLLPAFFSEISPRTQVPVKSTIAIGVLAAALAFFMDVAQLSEMVSVGTLMAFTAVAVCVLVLRYVPPDGVPLSSSSQTL
SDTDESRAETENFLVDAIESSDSPLLGNETARDEKYFGKRRKIAAWSIALVCIGVLGLASAASAERLPSFPRFTICGVSA
VILLGSLITLGYIDEDEERHNFGHKGGFLCPFVPYLPVLCILINTYLIINIGAGTWIRVLIWLLIGSMIYIFYGRSHSLL
NN
;
A
2 'polypeptide(L)'
;GSSSQVQLVESGGGLVQAGGSLRLSCAASGFPVNMYWMHWYRQAPGKEREWVAAIQSYGQWTAYADSVKGRFTISRDNAK
NTVYLQMNSLKPEDTAVYYCAVGVGGYYLGQGTQVTVS
;
B
#
# COMPACT_ATOMS: atom_id res chain seq x y z
N PRO A 1 3.79 39.17 -2.46
CA PRO A 1 3.22 38.92 -3.78
C PRO A 1 2.39 37.63 -3.83
N HIS A 2 1.62 37.46 -4.91
CA HIS A 2 0.79 36.27 -5.06
C HIS A 2 1.60 35.11 -5.61
N GLN A 3 2.71 34.77 -4.95
CA GLN A 3 3.60 33.72 -5.38
C GLN A 3 3.95 32.82 -4.21
N LEU A 4 3.98 31.51 -4.46
CA LEU A 4 4.41 30.57 -3.45
C LEU A 4 5.90 30.73 -3.16
N ALA A 5 6.28 30.53 -1.91
CA ALA A 5 7.65 30.73 -1.48
C ALA A 5 8.45 29.46 -1.71
N LYS A 6 9.57 29.60 -2.43
CA LYS A 6 10.43 28.46 -2.75
C LYS A 6 11.42 28.19 -1.62
N LYS A 7 10.88 27.96 -0.43
CA LYS A 7 11.68 27.80 0.77
C LYS A 7 12.04 26.34 1.09
N LEU A 8 11.40 25.38 0.41
CA LEU A 8 11.67 23.98 0.71
C LEU A 8 13.03 23.57 0.18
N SER A 9 13.51 22.43 0.66
CA SER A 9 14.84 21.92 0.31
C SER A 9 14.76 20.42 0.10
N ALA A 10 15.85 19.87 -0.48
CA ALA A 10 15.87 18.46 -0.82
C ALA A 10 15.66 17.59 0.42
N VAL A 11 16.34 17.91 1.52
CA VAL A 11 16.16 17.14 2.74
C VAL A 11 14.70 17.19 3.18
N ASP A 12 14.07 18.36 2.98
CA ASP A 12 12.66 18.57 3.40
C ASP A 12 11.75 17.75 2.51
N LEU A 13 12.08 17.56 1.22
CA LEU A 13 11.32 16.70 0.33
C LEU A 13 11.46 15.25 0.73
N VAL A 14 12.69 14.83 1.06
CA VAL A 14 12.90 13.46 1.51
C VAL A 14 12.10 13.20 2.78
N ALA A 15 12.11 14.14 3.71
CA ALA A 15 11.36 13.98 4.96
C ALA A 15 9.87 13.84 4.69
N ILE A 16 9.32 14.72 3.84
CA ILE A 16 7.91 14.65 3.51
C ILE A 16 7.57 13.29 2.90
N GLY A 17 8.34 12.88 1.91
CA GLY A 17 8.06 11.62 1.23
C GLY A 17 8.15 10.45 2.18
N VAL A 18 9.21 10.39 2.99
CA VAL A 18 9.40 9.24 3.87
C VAL A 18 8.31 9.19 4.92
N GLY A 19 7.91 10.34 5.48
CA GLY A 19 6.84 10.31 6.46
C GLY A 19 5.52 9.86 5.86
N THR A 20 5.14 10.47 4.74
CA THR A 20 3.87 10.11 4.11
C THR A 20 3.85 8.64 3.73
N THR A 21 4.98 8.12 3.26
CA THR A 21 5.06 6.72 2.86
C THR A 21 5.00 5.80 4.09
N ILE A 22 5.78 6.14 5.13
CA ILE A 22 5.91 5.27 6.29
C ILE A 22 4.60 5.16 7.03
N GLY A 23 3.78 6.21 7.02
CA GLY A 23 2.48 6.10 7.67
C GLY A 23 1.64 4.97 7.09
N ALA A 24 1.45 4.98 5.77
CA ALA A 24 0.71 3.90 5.12
C ALA A 24 1.42 2.58 5.29
N GLY A 25 2.75 2.59 5.27
CA GLY A 25 3.49 1.35 5.46
C GLY A 25 3.19 0.70 6.79
N VAL A 26 3.23 1.48 7.87
CA VAL A 26 2.95 0.93 9.18
C VAL A 26 1.48 0.56 9.31
N TYR A 27 0.59 1.31 8.65
CA TYR A 27 -0.82 0.93 8.64
C TYR A 27 -0.99 -0.46 8.03
N ILE A 28 -0.26 -0.75 6.96
CA ILE A 28 -0.34 -2.07 6.33
C ILE A 28 0.32 -3.12 7.22
N LEU A 29 1.50 -2.82 7.77
CA LEU A 29 2.21 -3.80 8.59
C LEU A 29 1.40 -4.17 9.83
N VAL A 30 0.57 -3.26 10.33
CA VAL A 30 -0.33 -3.60 11.44
C VAL A 30 -1.54 -4.39 10.98
N GLY A 31 -1.74 -4.52 9.67
CA GLY A 31 -2.94 -5.11 9.11
C GLY A 31 -2.85 -6.62 8.98
N THR A 32 -3.68 -7.15 8.09
CA THR A 32 -3.79 -8.59 7.90
C THR A 32 -2.62 -9.18 7.12
N VAL A 33 -2.08 -8.44 6.15
CA VAL A 33 -1.06 -9.01 5.28
C VAL A 33 0.19 -9.36 6.08
N ALA A 34 0.51 -8.57 7.10
CA ALA A 34 1.75 -8.79 7.84
C ALA A 34 1.89 -10.24 8.29
N ARG A 35 0.83 -10.79 8.87
CA ARG A 35 0.83 -12.17 9.31
C ARG A 35 0.41 -13.13 8.20
N GLU A 36 0.02 -12.61 7.03
CA GLU A 36 -0.30 -13.47 5.90
C GLU A 36 0.95 -14.12 5.34
N HIS A 37 2.02 -13.35 5.13
CA HIS A 37 3.24 -13.83 4.51
C HIS A 37 4.33 -13.99 5.56
N THR A 38 5.31 -14.84 5.24
CA THR A 38 6.47 -15.01 6.09
C THR A 38 7.35 -13.77 6.05
N GLY A 39 8.23 -13.65 7.05
CA GLY A 39 9.11 -12.51 7.17
C GLY A 39 9.88 -12.22 5.89
N PRO A 40 10.76 -13.14 5.51
CA PRO A 40 11.53 -12.93 4.26
C PRO A 40 10.64 -12.75 3.04
N ALA A 41 9.54 -13.51 2.96
CA ALA A 41 8.61 -13.35 1.85
C ALA A 41 8.02 -11.95 1.86
N LEU A 42 7.65 -11.46 3.03
CA LEU A 42 7.12 -10.10 3.13
C LEU A 42 8.17 -9.08 2.70
N ALA A 43 9.43 -9.31 3.07
CA ALA A 43 10.49 -8.38 2.70
C ALA A 43 10.68 -8.32 1.19
N VAL A 44 10.72 -9.49 0.54
CA VAL A 44 10.89 -9.49 -0.91
C VAL A 44 9.65 -8.94 -1.59
N SER A 45 8.46 -9.16 -1.01
CA SER A 45 7.27 -8.53 -1.55
C SER A 45 7.38 -7.02 -1.50
N PHE A 46 7.89 -6.48 -0.38
CA PHE A 46 8.14 -5.05 -0.30
C PHE A 46 9.18 -4.62 -1.31
N PHE A 47 10.17 -5.46 -1.59
CA PHE A 47 11.19 -5.13 -2.59
C PHE A 47 10.57 -4.99 -3.97
N ILE A 48 9.73 -5.95 -4.35
CA ILE A 48 9.08 -5.90 -5.66
C ILE A 48 8.11 -4.72 -5.73
N ALA A 49 7.37 -4.47 -4.64
CA ALA A 49 6.51 -3.30 -4.60
C ALA A 49 7.32 -2.03 -4.75
N GLY A 50 8.50 -1.98 -4.14
CA GLY A 50 9.36 -0.83 -4.30
C GLY A 50 9.87 -0.67 -5.71
N VAL A 51 10.14 -1.79 -6.39
CA VAL A 51 10.56 -1.72 -7.79
C VAL A 51 9.44 -1.13 -8.65
N ALA A 52 8.22 -1.60 -8.43
CA ALA A 52 7.08 -1.06 -9.19
C ALA A 52 6.85 0.41 -8.86
N ALA A 53 6.93 0.77 -7.57
CA ALA A 53 6.79 2.16 -7.18
C ALA A 53 7.90 3.01 -7.77
N ALA A 54 9.08 2.43 -7.98
CA ALA A 54 10.16 3.15 -8.65
C ALA A 54 9.86 3.32 -10.13
N LEU A 55 9.24 2.32 -10.75
CA LEU A 55 8.79 2.49 -12.13
C LEU A 55 7.84 3.68 -12.24
N SER A 56 6.92 3.80 -11.29
CA SER A 56 6.01 4.95 -11.30
C SER A 56 6.74 6.25 -10.95
N ALA A 57 7.66 6.18 -9.99
CA ALA A 57 8.34 7.38 -9.51
C ALA A 57 9.31 7.93 -10.54
N CYS A 58 9.81 7.08 -11.44
CA CYS A 58 10.66 7.60 -12.52
C CYS A 58 9.86 8.51 -13.43
N CYS A 59 8.65 8.10 -13.81
CA CYS A 59 7.79 8.96 -14.61
C CYS A 59 7.42 10.23 -13.83
N TYR A 60 7.05 10.07 -12.56
CA TYR A 60 6.73 11.24 -11.74
C TYR A 60 7.90 12.22 -11.71
N ALA A 61 9.11 11.72 -11.44
CA ALA A 61 10.28 12.58 -11.32
C ALA A 61 10.61 13.25 -12.64
N GLU A 62 10.51 12.50 -13.74
CA GLU A 62 10.78 13.10 -15.05
C GLU A 62 9.82 14.24 -15.31
N LEU A 63 8.51 13.99 -15.17
CA LEU A 63 7.54 15.02 -15.51
C LEU A 63 7.61 16.19 -14.54
N ALA A 64 8.03 15.96 -13.30
CA ALA A 64 8.12 17.02 -12.31
C ALA A 64 9.36 17.87 -12.54
N SER A 65 10.48 17.23 -12.85
CA SER A 65 11.72 17.96 -13.10
C SER A 65 11.66 18.75 -14.39
N ARG A 66 11.08 18.18 -15.44
CA ARG A 66 11.04 18.88 -16.73
C ARG A 66 10.10 20.08 -16.65
N CYS A 67 8.90 19.88 -16.13
CA CYS A 67 7.88 20.93 -16.05
C CYS A 67 7.33 20.96 -14.63
N PRO A 68 8.10 21.49 -13.68
CA PRO A 68 7.62 21.51 -12.29
C PRO A 68 6.41 22.42 -12.14
N SER A 69 5.39 21.91 -11.46
CA SER A 69 4.17 22.67 -11.22
C SER A 69 3.36 21.95 -10.15
N ALA A 70 2.67 22.73 -9.34
CA ALA A 70 1.93 22.17 -8.21
C ALA A 70 0.79 21.27 -8.62
N GLY A 71 0.37 21.29 -9.88
CA GLY A 71 -0.78 20.48 -10.27
C GLY A 71 -0.54 18.99 -10.14
N SER A 72 0.71 18.56 -10.05
CA SER A 72 1.02 17.12 -9.93
C SER A 72 0.40 16.39 -11.13
N ALA A 73 -0.14 15.19 -10.91
CA ALA A 73 -0.71 14.43 -12.01
C ALA A 73 -1.77 15.22 -12.73
N TYR A 74 -2.46 16.13 -12.04
CA TYR A 74 -3.44 16.96 -12.74
C TYR A 74 -2.74 17.73 -13.85
N HIS A 75 -1.68 18.46 -13.49
CA HIS A 75 -0.98 19.28 -14.47
C HIS A 75 -0.48 18.42 -15.61
N TYR A 76 0.08 17.25 -15.28
CA TYR A 76 0.65 16.41 -16.33
C TYR A 76 -0.44 15.90 -17.27
N ALA A 77 -1.49 15.28 -16.71
CA ALA A 77 -2.59 14.80 -17.54
C ALA A 77 -3.16 15.92 -18.39
N TYR A 78 -3.16 17.15 -17.88
CA TYR A 78 -3.80 18.28 -18.61
C TYR A 78 -2.99 18.63 -19.83
N ILE A 79 -1.68 18.38 -19.81
CA ILE A 79 -0.78 18.77 -20.93
C ILE A 79 -0.73 17.67 -22.00
N CYS A 80 -0.63 16.41 -21.58
CA CYS A 80 -0.48 15.30 -22.56
C CYS A 80 -1.84 14.68 -22.88
N LEU A 81 -2.45 14.01 -21.90
CA LEU A 81 -3.79 13.39 -22.10
C LEU A 81 -4.81 14.49 -22.45
N GLY A 82 -4.58 15.73 -21.97
CA GLY A 82 -5.47 16.85 -22.32
C GLY A 82 -6.40 17.23 -21.19
N GLU A 83 -7.23 18.25 -21.39
CA GLU A 83 -8.18 18.66 -20.32
C GLU A 83 -9.22 17.55 -20.16
N GLY A 84 -10.09 17.69 -19.18
CA GLY A 84 -11.19 16.72 -19.02
C GLY A 84 -10.70 15.47 -18.33
N ILE A 85 -9.75 14.78 -18.96
CA ILE A 85 -9.15 13.57 -18.32
C ILE A 85 -8.38 14.07 -17.09
N ALA A 86 -7.81 15.27 -17.19
CA ALA A 86 -7.12 15.84 -16.02
C ALA A 86 -8.16 16.05 -14.93
N TRP A 87 -9.23 16.77 -15.24
CA TRP A 87 -10.22 17.06 -14.18
C TRP A 87 -10.69 15.76 -13.57
N LEU A 88 -10.48 14.63 -14.23
CA LEU A 88 -10.98 13.44 -13.58
C LEU A 88 -9.87 12.82 -12.77
N VAL A 89 -8.63 13.02 -13.22
CA VAL A 89 -7.47 12.54 -12.48
C VAL A 89 -7.27 13.38 -11.24
N GLY A 90 -7.33 14.71 -11.39
CA GLY A 90 -7.13 15.57 -10.24
C GLY A 90 -8.25 15.41 -9.22
N TRP A 91 -9.49 15.29 -9.68
CA TRP A 91 -10.60 15.09 -8.76
C TRP A 91 -10.46 13.78 -7.99
N ALA A 92 -10.07 12.70 -8.68
CA ALA A 92 -9.86 11.43 -8.00
C ALA A 92 -8.70 11.50 -7.01
N LEU A 93 -7.62 12.20 -7.37
CA LEU A 93 -6.50 12.36 -6.45
C LEU A 93 -6.90 13.15 -5.21
N VAL A 94 -7.70 14.20 -5.39
CA VAL A 94 -8.18 14.96 -4.24
C VAL A 94 -8.96 14.05 -3.31
N LEU A 95 -9.88 13.26 -3.87
CA LEU A 95 -10.66 12.36 -3.03
C LEU A 95 -9.76 11.36 -2.31
N ASP A 96 -8.74 10.87 -3.02
CA ASP A 96 -7.86 9.85 -2.45
C ASP A 96 -7.07 10.41 -1.28
N TYR A 97 -6.42 11.56 -1.46
CA TYR A 97 -5.63 12.14 -0.38
C TYR A 97 -6.52 12.53 0.79
N THR A 98 -7.67 13.16 0.51
CA THR A 98 -8.55 13.58 1.60
C THR A 98 -9.00 12.38 2.41
N ILE A 99 -9.39 11.29 1.75
CA ILE A 99 -9.89 10.14 2.51
C ILE A 99 -8.75 9.38 3.16
N GLY A 100 -7.53 9.48 2.65
CA GLY A 100 -6.40 8.92 3.38
C GLY A 100 -6.14 9.65 4.67
N GLY A 101 -6.11 10.98 4.61
CA GLY A 101 -5.91 11.74 5.84
C GLY A 101 -7.03 11.51 6.84
N SER A 102 -8.28 11.51 6.36
CA SER A 102 -9.41 11.31 7.26
C SER A 102 -9.36 9.92 7.91
N ALA A 103 -9.04 8.88 7.13
CA ALA A 103 -8.94 7.55 7.71
C ALA A 103 -7.83 7.47 8.73
N ILE A 104 -6.68 8.09 8.43
CA ILE A 104 -5.56 8.08 9.38
C ILE A 104 -5.98 8.73 10.69
N ALA A 105 -6.65 9.88 10.61
CA ALA A 105 -7.06 10.57 11.83
C ALA A 105 -8.08 9.74 12.61
N ARG A 106 -9.06 9.17 11.91
CA ARG A 106 -10.08 8.38 12.60
C ARG A 106 -9.47 7.17 13.27
N GLY A 107 -8.44 6.58 12.66
CA GLY A 107 -7.77 5.45 13.30
C GLY A 107 -6.92 5.88 14.48
N ILE A 108 -6.24 7.02 14.36
CA ILE A 108 -5.36 7.48 15.43
C ILE A 108 -6.16 7.82 16.68
N THR A 109 -7.28 8.53 16.51
CA THR A 109 -7.97 9.09 17.67
C THR A 109 -8.28 8.07 18.76
N PRO A 110 -8.89 6.92 18.47
CA PRO A 110 -9.20 5.98 19.56
C PRO A 110 -7.97 5.44 20.26
N ASN A 111 -6.89 5.17 19.53
CA ASN A 111 -5.67 4.68 20.16
C ASN A 111 -4.94 5.79 20.90
N LEU A 112 -5.15 7.05 20.53
CA LEU A 112 -4.51 8.18 21.16
C LEU A 112 -5.33 8.73 22.34
N ALA A 113 -6.19 7.91 22.92
CA ALA A 113 -6.95 8.36 24.09
C ALA A 113 -6.04 8.78 25.23
N SER A 114 -4.84 8.22 25.30
CA SER A 114 -3.82 8.68 26.24
C SER A 114 -2.54 8.99 25.50
N PHE A 115 -1.45 9.22 26.24
CA PHE A 115 -0.18 9.57 25.59
C PHE A 115 0.25 8.49 24.60
N PHE A 116 0.31 7.24 25.06
CA PHE A 116 0.70 6.11 24.22
C PHE A 116 0.19 4.83 24.87
N GLY A 117 0.24 3.75 24.11
CA GLY A 117 -0.14 2.44 24.60
C GLY A 117 -1.61 2.14 24.58
N GLY A 118 -2.44 3.04 24.07
CA GLY A 118 -3.87 2.79 23.99
C GLY A 118 -4.63 3.05 25.27
N LEU A 119 -3.99 3.59 26.31
CA LEU A 119 -4.70 3.88 27.54
C LEU A 119 -5.72 4.99 27.31
N ASP A 120 -6.69 5.07 28.23
CA ASP A 120 -7.80 5.99 28.11
C ASP A 120 -7.72 7.04 29.22
N ASN A 121 -7.84 8.31 28.83
CA ASN A 121 -7.89 9.41 29.78
C ASN A 121 -9.30 9.76 30.22
N LEU A 122 -10.32 9.16 29.59
CA LEU A 122 -11.71 9.41 29.95
C LEU A 122 -12.06 10.88 29.77
N PRO A 123 -11.99 11.41 28.54
CA PRO A 123 -12.46 12.78 28.30
C PRO A 123 -13.97 12.85 28.32
N VAL A 124 -14.47 14.09 28.40
CA VAL A 124 -15.90 14.36 28.50
C VAL A 124 -16.30 15.24 27.32
N PHE A 125 -17.37 14.85 26.63
CA PHE A 125 -17.97 15.56 25.51
C PHE A 125 -17.12 15.49 24.25
N LEU A 126 -15.94 14.89 24.30
CA LEU A 126 -15.13 14.63 23.11
C LEU A 126 -15.05 13.16 22.74
N ALA A 127 -15.48 12.26 23.63
CA ALA A 127 -15.45 10.84 23.33
C ALA A 127 -16.52 10.48 22.31
N ARG A 128 -16.38 9.28 21.73
CA ARG A 128 -17.31 8.80 20.68
C ARG A 128 -18.71 8.56 21.26
N GLN A 129 -19.70 9.29 20.76
CA GLN A 129 -21.10 9.13 21.23
C GLN A 129 -22.01 8.92 20.01
N THR A 130 -22.48 7.68 19.81
CA THR A 130 -23.31 7.36 18.64
C THR A 130 -24.54 8.26 18.61
N ILE A 131 -24.90 8.72 17.41
CA ILE A 131 -26.08 9.54 17.24
C ILE A 131 -27.30 8.69 17.56
N PRO A 132 -28.17 9.10 18.51
CA PRO A 132 -29.33 8.28 18.91
C PRO A 132 -30.50 8.36 17.94
N GLY A 133 -30.22 8.20 16.65
CA GLY A 133 -31.28 8.23 15.65
C GLY A 133 -32.20 7.04 15.77
N VAL A 134 -33.41 7.20 15.23
CA VAL A 134 -34.39 6.11 15.26
C VAL A 134 -33.85 4.90 14.51
N GLY A 135 -33.25 5.13 13.35
CA GLY A 135 -32.65 4.06 12.58
C GLY A 135 -31.30 4.47 12.02
N ILE A 136 -30.57 5.31 12.77
CA ILE A 136 -29.29 5.85 12.34
C ILE A 136 -28.20 5.22 13.17
N VAL A 137 -27.11 4.79 12.52
CA VAL A 137 -26.04 4.04 13.15
C VAL A 137 -24.75 4.83 13.23
N VAL A 138 -24.71 6.05 12.70
CA VAL A 138 -23.45 6.79 12.64
C VAL A 138 -22.87 6.92 14.05
N ASP A 139 -21.54 6.94 14.13
CA ASP A 139 -20.81 7.04 15.39
C ASP A 139 -19.82 8.18 15.27
N PRO A 140 -20.26 9.42 15.52
CA PRO A 140 -19.34 10.56 15.40
C PRO A 140 -18.21 10.46 16.42
N CYS A 141 -17.06 11.03 16.03
CA CYS A 141 -15.85 10.93 16.82
C CYS A 141 -15.11 12.26 16.77
N ALA A 142 -14.17 12.42 17.69
CA ALA A 142 -13.36 13.64 17.73
C ALA A 142 -12.48 13.71 16.49
N ALA A 143 -12.69 14.75 15.68
CA ALA A 143 -11.90 15.00 14.48
C ALA A 143 -11.07 16.27 14.61
N LEU A 144 -10.74 16.68 15.83
CA LEU A 144 -9.98 17.91 16.02
C LEU A 144 -8.59 17.80 15.40
N LEU A 145 -8.02 16.59 15.34
CA LEU A 145 -6.69 16.43 14.77
C LEU A 145 -6.61 17.03 13.37
N ILE A 146 -7.66 16.85 12.58
CA ILE A 146 -7.68 17.44 11.24
C ILE A 146 -7.63 18.96 11.33
N MET A 147 -8.34 19.54 12.30
CA MET A 147 -8.31 20.99 12.46
C MET A 147 -6.90 21.45 12.82
N ILE A 148 -6.23 20.75 13.73
CA ILE A 148 -4.88 21.15 14.12
C ILE A 148 -3.93 21.02 12.93
N VAL A 149 -4.05 19.93 12.16
CA VAL A 149 -3.17 19.74 11.00
C VAL A 149 -3.43 20.81 9.96
N THR A 150 -4.70 21.18 9.76
CA THR A 150 -5.02 22.24 8.81
C THR A 150 -4.47 23.58 9.28
N ILE A 151 -4.53 23.85 10.58
CA ILE A 151 -3.94 25.08 11.10
C ILE A 151 -2.43 25.07 10.85
N LEU A 152 -1.78 23.93 11.09
CA LEU A 152 -0.35 23.81 10.83
C LEU A 152 -0.04 24.11 9.36
N LEU A 153 -0.76 23.46 8.45
CA LEU A 153 -0.51 23.66 7.02
C LEU A 153 -0.77 25.10 6.62
N CYS A 154 -1.82 25.71 7.17
CA CYS A 154 -2.13 27.10 6.88
C CYS A 154 -1.10 28.07 7.43
N PHE A 155 -0.17 27.59 8.27
CA PHE A 155 0.82 28.42 8.91
C PHE A 155 2.09 28.57 8.09
N GLY A 156 2.10 28.05 6.87
CA GLY A 156 3.26 28.19 6.01
C GLY A 156 3.85 26.85 5.62
N ILE A 157 4.69 26.88 4.58
CA ILE A 157 5.31 25.64 4.02
C ILE A 157 6.57 25.28 4.82
N LYS A 158 7.38 26.24 5.29
CA LYS A 158 8.58 25.96 6.11
C LYS A 158 8.14 25.53 7.52
N GLU A 159 7.15 26.21 8.08
CA GLU A 159 6.76 25.90 9.46
C GLU A 159 6.12 24.51 9.52
N SER A 160 5.16 24.25 8.63
CA SER A 160 4.56 22.93 8.56
C SER A 160 5.57 21.90 8.09
N SER A 161 6.43 22.26 7.14
CA SER A 161 7.45 21.33 6.69
C SER A 161 8.43 20.99 7.82
N THR A 162 8.79 21.99 8.64
CA THR A 162 9.68 21.74 9.76
C THR A 162 9.02 20.85 10.80
N VAL A 163 7.74 21.08 11.08
CA VAL A 163 7.05 20.22 12.05
C VAL A 163 6.96 18.80 11.51
N GLN A 164 6.65 18.64 10.23
CA GLN A 164 6.63 17.33 9.62
C GLN A 164 8.01 16.67 9.70
N ALA A 165 9.07 17.46 9.45
CA ALA A 165 10.42 16.92 9.52
C ALA A 165 10.75 16.45 10.92
N ILE A 166 10.36 17.22 11.94
CA ILE A 166 10.61 16.82 13.32
C ILE A 166 9.89 15.50 13.62
N VAL A 167 8.60 15.44 13.28
CA VAL A 167 7.83 14.24 13.60
C VAL A 167 8.38 13.03 12.86
N THR A 168 8.69 13.18 11.58
CA THR A 168 9.15 12.04 10.79
C THR A 168 10.57 11.63 11.19
N SER A 169 11.41 12.59 11.60
CA SER A 169 12.73 12.24 12.08
C SER A 169 12.64 11.47 13.38
N VAL A 170 11.75 11.90 14.29
CA VAL A 170 11.54 11.13 15.51
C VAL A 170 11.04 9.74 15.16
N ASN A 171 10.13 9.63 14.20
CA ASN A 171 9.61 8.33 13.80
C ASN A 171 10.72 7.45 13.23
N VAL A 172 11.57 8.01 12.37
CA VAL A 172 12.63 7.23 11.75
C VAL A 172 13.65 6.80 12.81
N CYS A 173 13.97 7.67 13.76
CA CYS A 173 14.89 7.30 14.83
C CYS A 173 14.32 6.19 15.69
N THR A 174 13.03 6.27 16.04
CA THR A 174 12.45 5.20 16.85
C THR A 174 12.34 3.91 16.05
N LEU A 175 12.08 3.99 14.75
CA LEU A 175 12.07 2.80 13.92
C LEU A 175 13.46 2.17 13.83
N VAL A 176 14.50 3.01 13.73
CA VAL A 176 15.86 2.49 13.69
C VAL A 176 16.22 1.83 15.02
N PHE A 177 15.84 2.46 16.14
CA PHE A 177 16.05 1.84 17.44
C PHE A 177 15.30 0.52 17.54
N ILE A 178 14.07 0.52 17.02
CA ILE A 178 13.17 -0.68 17.08
C ILE A 178 13.77 -1.80 16.24
N ILE A 179 14.42 -1.48 15.11
CA ILE A 179 15.07 -2.47 14.26
C ILE A 179 16.35 -2.96 14.90
N VAL A 180 17.12 -2.05 15.51
CA VAL A 180 18.37 -2.45 16.15
C VAL A 180 18.08 -3.40 17.30
N VAL A 181 17.04 -3.09 18.09
CA VAL A 181 16.67 -3.97 19.20
C VAL A 181 16.24 -5.32 18.67
N GLY A 182 15.42 -5.34 17.61
CA GLY A 182 14.98 -6.60 17.05
C GLY A 182 16.14 -7.44 16.53
N GLY A 183 17.08 -6.80 15.83
CA GLY A 183 18.23 -7.52 15.31
C GLY A 183 19.13 -8.03 16.41
N TYR A 184 19.35 -7.21 17.45
CA TYR A 184 20.15 -7.67 18.58
C TYR A 184 19.51 -8.87 19.24
N LEU A 185 18.19 -8.83 19.45
CA LEU A 185 17.50 -9.96 20.05
C LEU A 185 17.59 -11.20 19.17
N ALA A 186 17.42 -11.03 17.86
CA ALA A 186 17.49 -12.16 16.94
C ALA A 186 18.89 -12.79 16.98
N CYS A 187 19.93 -11.97 16.94
CA CYS A 187 21.29 -12.49 17.00
C CYS A 187 21.55 -13.16 18.35
N LYS A 188 21.01 -12.60 19.44
CA LYS A 188 21.17 -13.24 20.73
C LYS A 188 20.54 -14.62 20.75
N THR A 189 19.36 -14.76 20.16
CA THR A 189 18.72 -16.06 20.04
C THR A 189 19.17 -16.83 18.79
N GLY A 190 20.07 -16.25 17.99
CA GLY A 190 20.57 -16.95 16.82
C GLY A 190 19.57 -17.07 15.69
N TRP A 191 18.59 -16.18 15.63
CA TRP A 191 17.55 -16.22 14.59
C TRP A 191 16.78 -17.54 14.63
N VAL A 192 16.74 -18.18 15.79
CA VAL A 192 16.04 -19.45 15.93
C VAL A 192 14.57 -19.31 15.52
N GLY A 193 14.03 -18.11 15.60
CA GLY A 193 12.65 -17.90 15.20
C GLY A 193 12.38 -18.11 13.72
N TYR A 194 13.42 -18.19 12.90
CA TYR A 194 13.29 -18.35 11.47
C TYR A 194 13.69 -19.75 11.01
N ASP A 195 13.45 -20.76 11.85
CA ASP A 195 13.58 -22.16 11.44
C ASP A 195 12.30 -22.63 10.77
N LEU A 196 11.92 -21.91 9.72
CA LEU A 196 10.64 -22.15 9.07
C LEU A 196 10.65 -23.51 8.39
N PRO A 197 9.70 -24.40 8.69
CA PRO A 197 9.69 -25.72 8.04
C PRO A 197 9.43 -25.63 6.55
N SER A 198 8.37 -24.91 6.18
CA SER A 198 8.06 -24.73 4.77
C SER A 198 9.11 -23.91 4.06
N GLY A 199 10.00 -23.25 4.79
CA GLY A 199 11.05 -22.46 4.19
C GLY A 199 10.53 -21.09 3.80
N TYR A 200 11.45 -20.22 3.43
CA TYR A 200 11.04 -18.89 3.02
C TYR A 200 10.38 -18.98 1.66
N PHE A 201 9.54 -17.99 1.36
CA PHE A 201 8.78 -17.97 0.13
C PHE A 201 8.06 -19.31 -0.04
N PRO A 202 7.18 -19.68 0.90
CA PRO A 202 6.53 -21.00 0.83
C PRO A 202 5.57 -21.14 -0.32
N PHE A 203 5.14 -20.05 -0.94
CA PHE A 203 4.18 -20.07 -2.02
C PHE A 203 4.80 -19.69 -3.35
N GLY A 204 6.12 -19.49 -3.38
CA GLY A 204 6.81 -19.18 -4.65
C GLY A 204 6.53 -17.76 -5.10
N LEU A 205 7.03 -17.39 -6.29
CA LEU A 205 6.87 -16.00 -6.80
C LEU A 205 5.37 -15.68 -6.83
N ASN A 206 4.53 -16.71 -6.96
CA ASN A 206 3.05 -16.54 -6.97
C ASN A 206 2.64 -15.76 -5.73
N GLY A 207 3.06 -16.16 -4.53
CA GLY A 207 2.79 -15.42 -3.28
C GLY A 207 3.52 -14.11 -3.29
N ILE A 208 4.81 -14.12 -3.60
CA ILE A 208 5.61 -12.86 -3.57
C ILE A 208 4.91 -11.82 -4.45
N LEU A 209 4.28 -12.23 -5.55
CA LEU A 209 3.54 -11.23 -6.31
C LEU A 209 2.20 -10.92 -5.66
N ALA A 210 1.53 -11.94 -5.13
CA ALA A 210 0.25 -11.71 -4.45
C ALA A 210 0.45 -10.78 -3.27
N GLY A 211 1.50 -11.00 -2.48
CA GLY A 211 1.79 -10.09 -1.37
C GLY A 211 2.15 -8.70 -1.86
N SER A 212 2.93 -8.62 -2.93
CA SER A 212 3.35 -7.32 -3.42
C SER A 212 2.17 -6.54 -3.99
N ALA A 213 1.09 -7.24 -4.32
CA ALA A 213 -0.09 -6.58 -4.86
C ALA A 213 -0.73 -5.69 -3.81
N VAL A 214 -0.79 -6.17 -2.56
CA VAL A 214 -1.39 -5.37 -1.50
C VAL A 214 -0.33 -4.50 -0.84
N VAL A 215 0.95 -4.89 -0.94
CA VAL A 215 2.02 -4.10 -0.33
C VAL A 215 2.44 -2.94 -1.22
N PHE A 216 1.91 -2.87 -2.45
CA PHE A 216 2.26 -1.77 -3.35
C PHE A 216 1.74 -0.44 -2.84
N PHE A 217 0.57 -0.44 -2.19
CA PHE A 217 -0.01 0.82 -1.73
C PHE A 217 0.71 1.38 -0.52
N SER A 218 1.83 0.77 -0.10
CA SER A 218 2.67 1.36 0.93
C SER A 218 3.59 2.44 0.38
N TYR A 219 3.79 2.50 -0.93
CA TYR A 219 4.61 3.53 -1.56
C TYR A 219 3.67 4.46 -2.34
N ILE A 220 3.08 5.41 -1.62
CA ILE A 220 2.16 6.36 -2.23
C ILE A 220 2.52 7.78 -1.77
N GLY A 221 3.80 8.00 -1.46
CA GLY A 221 4.21 9.28 -0.91
C GLY A 221 4.89 10.21 -1.91
N PHE A 222 5.40 9.65 -3.01
CA PHE A 222 6.11 10.48 -3.98
C PHE A 222 5.17 11.42 -4.72
N ASP A 223 3.92 11.02 -4.90
CA ASP A 223 2.96 11.92 -5.53
C ASP A 223 2.76 13.18 -4.72
N THR A 224 2.73 13.07 -3.39
CA THR A 224 2.65 14.26 -2.55
C THR A 224 3.90 15.14 -2.72
N VAL A 225 5.08 14.51 -2.79
CA VAL A 225 6.30 15.28 -3.00
C VAL A 225 6.20 16.07 -4.30
N THR A 226 5.67 15.45 -5.35
CA THR A 226 5.44 16.18 -6.60
C THR A 226 4.43 17.30 -6.39
N SER A 227 3.37 17.03 -5.63
CA SER A 227 2.37 18.06 -5.37
C SER A 227 2.97 19.30 -4.75
N THR A 228 4.00 19.12 -3.91
CA THR A 228 4.70 20.24 -3.30
C THR A 228 5.89 20.72 -4.12
N ALA A 229 5.84 20.54 -5.45
CA ALA A 229 6.98 20.90 -6.29
C ALA A 229 7.23 22.41 -6.28
N GLU A 230 6.17 23.22 -6.22
CA GLU A 230 6.36 24.66 -6.32
C GLU A 230 7.17 25.24 -5.18
N GLU A 231 7.22 24.56 -4.04
CA GLU A 231 7.92 25.09 -2.87
C GLU A 231 9.43 24.87 -2.94
N VAL A 232 9.91 24.07 -3.88
CA VAL A 232 11.33 23.70 -3.94
C VAL A 232 12.11 24.80 -4.64
N LYS A 233 13.31 25.07 -4.14
CA LYS A 233 14.14 26.14 -4.70
C LYS A 233 14.53 25.83 -6.14
N ASN A 234 15.09 24.65 -6.38
CA ASN A 234 15.49 24.20 -7.71
C ASN A 234 14.93 22.80 -7.92
N PRO A 235 13.63 22.69 -8.21
CA PRO A 235 13.01 21.36 -8.27
C PRO A 235 13.68 20.43 -9.25
N GLN A 236 14.24 20.97 -10.33
CA GLN A 236 14.86 20.15 -11.37
C GLN A 236 15.84 19.15 -10.78
N ARG A 237 16.60 19.57 -9.78
CA ARG A 237 17.60 18.71 -9.14
C ARG A 237 17.04 17.97 -7.93
N ASP A 238 16.32 18.67 -7.06
CA ASP A 238 15.90 18.06 -5.81
C ASP A 238 14.79 17.04 -6.01
N LEU A 239 13.70 17.43 -6.69
CA LEU A 239 12.54 16.54 -6.81
C LEU A 239 12.90 15.11 -7.20
N PRO A 240 13.65 14.86 -8.28
CA PRO A 240 13.99 13.47 -8.59
C PRO A 240 14.86 12.82 -7.54
N LEU A 241 15.89 13.53 -7.06
CA LEU A 241 16.75 12.96 -6.03
C LEU A 241 15.96 12.72 -4.75
N GLY A 242 15.11 13.67 -4.35
CA GLY A 242 14.32 13.49 -3.16
C GLY A 242 13.39 12.30 -3.25
N ILE A 243 12.69 12.18 -4.38
CA ILE A 243 11.76 11.06 -4.56
C ILE A 243 12.52 9.74 -4.52
N GLY A 244 13.66 9.67 -5.21
CA GLY A 244 14.42 8.44 -5.22
C GLY A 244 14.89 8.06 -3.83
N ILE A 245 15.45 9.02 -3.10
CA ILE A 245 15.96 8.70 -1.77
C ILE A 245 14.82 8.35 -0.84
N ALA A 246 13.61 8.84 -1.12
CA ALA A 246 12.48 8.54 -0.24
C ALA A 246 11.96 7.15 -0.51
N LEU A 247 11.98 6.72 -1.77
CA LEU A 247 11.51 5.38 -2.07
C LEU A 247 12.56 4.35 -1.66
N LEU A 248 13.83 4.77 -1.62
CA LEU A 248 14.90 3.87 -1.24
C LEU A 248 14.85 3.67 0.27
N ILE A 249 14.79 4.77 1.02
CA ILE A 249 14.76 4.66 2.48
C ILE A 249 13.51 3.89 2.90
N CYS A 250 12.36 4.19 2.30
CA CYS A 250 11.14 3.49 2.68
C CYS A 250 11.24 2.00 2.38
N CYS A 251 11.79 1.64 1.21
CA CYS A 251 11.93 0.22 0.88
C CYS A 251 12.86 -0.47 1.88
N ILE A 252 13.99 0.15 2.21
CA ILE A 252 14.93 -0.45 3.14
C ILE A 252 14.28 -0.63 4.52
N LEU A 253 13.59 0.42 4.99
CA LEU A 253 12.94 0.33 6.30
C LEU A 253 11.89 -0.76 6.32
N TYR A 254 11.09 -0.85 5.26
CA TYR A 254 10.05 -1.88 5.22
C TYR A 254 10.66 -3.27 5.23
N MET A 255 11.71 -3.49 4.42
CA MET A 255 12.33 -4.82 4.41
C MET A 255 12.91 -5.16 5.77
N LEU A 256 13.59 -4.19 6.40
CA LEU A 256 14.19 -4.43 7.71
C LEU A 256 13.11 -4.78 8.73
N LEU A 257 12.07 -3.96 8.82
CA LEU A 257 11.01 -4.24 9.78
C LEU A 257 10.38 -5.59 9.51
N SER A 258 10.09 -5.88 8.23
CA SER A 258 9.42 -7.12 7.87
C SER A 258 10.25 -8.34 8.27
N VAL A 259 11.58 -8.21 8.23
CA VAL A 259 12.43 -9.41 8.50
C VAL A 259 12.76 -9.50 9.99
N VAL A 260 12.88 -8.35 10.68
CA VAL A 260 13.32 -8.37 12.10
C VAL A 260 12.13 -8.36 13.07
N ILE A 261 11.24 -7.39 12.97
CA ILE A 261 10.11 -7.25 13.95
C ILE A 261 8.87 -8.03 13.49
N VAL A 262 8.30 -7.69 12.32
CA VAL A 262 7.02 -8.33 11.90
C VAL A 262 7.15 -9.86 11.76
N GLY A 263 8.12 -10.36 10.99
CA GLY A 263 8.22 -11.79 10.80
C GLY A 263 8.49 -12.58 12.07
N LEU A 264 8.84 -11.89 13.15
CA LEU A 264 9.11 -12.54 14.42
C LEU A 264 8.08 -12.24 15.51
N VAL A 265 7.13 -11.34 15.25
CA VAL A 265 6.11 -11.02 16.24
C VAL A 265 5.45 -12.30 16.71
N PRO A 266 5.09 -13.22 15.80
CA PRO A 266 4.58 -14.52 16.27
C PRO A 266 5.56 -15.27 17.14
N TYR A 267 6.86 -15.19 16.83
CA TYR A 267 7.85 -15.91 17.63
C TYR A 267 7.90 -15.39 19.05
N TYR A 268 7.92 -14.06 19.22
CA TYR A 268 7.98 -13.49 20.56
C TYR A 268 6.71 -13.73 21.35
N SER A 269 5.61 -14.07 20.68
CA SER A 269 4.34 -14.26 21.36
C SER A 269 4.07 -15.71 21.72
N LEU A 270 4.59 -16.65 20.93
CA LEU A 270 4.25 -18.06 21.08
C LEU A 270 5.29 -18.86 21.83
N ASN A 271 6.58 -18.62 21.57
CA ASN A 271 7.61 -19.50 22.10
C ASN A 271 7.57 -19.50 23.63
N PRO A 272 7.50 -20.67 24.27
CA PRO A 272 7.37 -20.68 25.74
C PRO A 272 8.54 -20.02 26.47
N ASP A 273 9.76 -20.12 25.95
CA ASP A 273 10.90 -19.53 26.63
C ASP A 273 10.84 -18.01 26.64
N THR A 274 10.05 -17.40 25.75
CA THR A 274 9.79 -15.97 25.79
C THR A 274 11.11 -15.19 25.81
N PRO A 275 11.82 -15.12 24.68
CA PRO A 275 13.12 -14.44 24.70
C PRO A 275 13.05 -12.99 25.13
N ILE A 276 11.97 -12.29 24.80
CA ILE A 276 11.82 -10.89 25.22
C ILE A 276 11.86 -10.80 26.74
N SER A 277 11.06 -11.61 27.42
CA SER A 277 11.05 -11.60 28.88
C SER A 277 12.38 -12.07 29.43
N SER A 278 12.95 -13.13 28.84
CA SER A 278 14.24 -13.63 29.31
C SER A 278 15.34 -12.60 29.11
N ALA A 279 15.18 -11.70 28.13
CA ALA A 279 16.19 -10.69 27.85
C ALA A 279 15.94 -9.39 28.60
N PHE A 280 14.69 -9.11 28.99
CA PHE A 280 14.35 -7.86 29.66
C PHE A 280 13.58 -8.08 30.95
N GLY A 281 13.42 -9.32 31.39
CA GLY A 281 12.85 -9.57 32.71
C GLY A 281 11.33 -9.56 32.71
N ASP A 282 10.76 -9.17 33.86
CA ASP A 282 9.32 -9.25 34.06
C ASP A 282 8.58 -8.34 33.08
N SER A 283 9.10 -7.13 32.85
CA SER A 283 8.42 -6.20 31.95
C SER A 283 8.10 -6.86 30.61
N GLY A 284 9.10 -7.50 30.01
CA GLY A 284 8.85 -8.28 28.81
C GLY A 284 8.23 -7.46 27.71
N MET A 285 7.21 -8.03 27.07
CA MET A 285 6.62 -7.42 25.89
C MET A 285 5.88 -6.13 26.22
N GLN A 286 5.59 -5.87 27.49
CA GLN A 286 4.83 -4.67 27.84
C GLN A 286 5.54 -3.41 27.35
N TRP A 287 6.84 -3.30 27.61
CA TRP A 287 7.60 -2.17 27.09
C TRP A 287 7.80 -2.29 25.59
N ALA A 288 7.97 -3.51 25.08
CA ALA A 288 8.11 -3.68 23.63
C ALA A 288 6.83 -3.26 22.92
N ALA A 289 5.67 -3.64 23.45
CA ALA A 289 4.40 -3.20 22.86
C ALA A 289 4.28 -1.69 22.93
N TYR A 290 4.70 -1.08 24.03
CA TYR A 290 4.66 0.39 24.13
C TYR A 290 5.54 1.03 23.07
N ILE A 291 6.74 0.49 22.85
CA ILE A 291 7.64 1.08 21.87
C ILE A 291 7.08 0.91 20.46
N LEU A 292 6.53 -0.27 20.16
CA LEU A 292 5.95 -0.47 18.84
C LEU A 292 4.76 0.45 18.60
N THR A 293 3.91 0.61 19.61
CA THR A 293 2.79 1.53 19.50
C THR A 293 3.27 2.96 19.31
N THR A 294 4.33 3.35 20.03
CA THR A 294 4.88 4.68 19.86
C THR A 294 5.36 4.90 18.44
N GLY A 295 6.08 3.94 17.89
CA GLY A 295 6.55 4.07 16.52
C GLY A 295 5.41 4.15 15.52
N ALA A 296 4.41 3.26 15.68
CA ALA A 296 3.28 3.27 14.77
C ALA A 296 2.52 4.58 14.84
N ILE A 297 2.29 5.10 16.05
CA ILE A 297 1.52 6.32 16.20
C ILE A 297 2.29 7.52 15.65
N THR A 298 3.61 7.56 15.88
CA THR A 298 4.40 8.64 15.32
C THR A 298 4.37 8.60 13.80
N ALA A 299 4.49 7.42 13.21
CA ALA A 299 4.43 7.30 11.75
C ALA A 299 3.08 7.76 11.23
N LEU A 300 1.99 7.32 11.88
CA LEU A 300 0.66 7.69 11.43
C LEU A 300 0.45 9.20 11.54
N CYS A 301 0.94 9.82 12.63
CA CYS A 301 0.83 11.26 12.77
C CYS A 301 1.63 11.98 11.69
N ALA A 302 2.83 11.50 11.38
CA ALA A 302 3.62 12.11 10.33
C ALA A 302 2.90 12.06 8.99
N SER A 303 2.30 10.90 8.67
CA SER A 303 1.58 10.80 7.41
C SER A 303 0.31 11.64 7.42
N LEU A 304 -0.36 11.75 8.57
CA LEU A 304 -1.52 12.63 8.66
C LEU A 304 -1.14 14.07 8.38
N LEU A 305 -0.01 14.51 8.93
CA LEU A 305 0.49 15.85 8.63
C LEU A 305 0.81 16.00 7.16
N GLY A 306 1.44 14.98 6.57
CA GLY A 306 1.86 15.08 5.18
C GLY A 306 0.71 15.09 4.19
N SER A 307 -0.34 14.30 4.45
CA SER A 307 -1.35 14.05 3.44
C SER A 307 -2.06 15.33 3.02
N LEU A 308 -2.58 16.08 3.97
CA LEU A 308 -3.45 17.21 3.65
C LEU A 308 -2.70 18.38 3.01
N LEU A 309 -1.41 18.30 2.70
CA LEU A 309 -0.69 19.38 2.02
C LEU A 309 -0.71 19.25 0.51
N ALA A 310 -1.29 18.18 -0.02
CA ALA A 310 -1.36 17.99 -1.47
C ALA A 310 -2.65 18.58 -2.05
N GLN A 311 -3.79 18.26 -1.46
CA GLN A 311 -5.08 18.73 -1.98
C GLN A 311 -5.14 20.23 -2.18
N PRO A 312 -4.72 21.07 -1.23
CA PRO A 312 -4.72 22.51 -1.50
C PRO A 312 -3.92 22.87 -2.74
N ARG A 313 -2.79 22.20 -3.00
CA ARG A 313 -2.02 22.49 -4.19
C ARG A 313 -2.80 22.11 -5.46
N ILE A 314 -3.44 20.94 -5.45
CA ILE A 314 -4.23 20.52 -6.60
C ILE A 314 -5.36 21.51 -6.87
N PHE A 315 -6.05 21.93 -5.81
CA PHE A 315 -7.13 22.90 -5.96
C PHE A 315 -6.59 24.23 -6.47
N MET A 316 -5.44 24.66 -5.99
CA MET A 316 -4.84 25.90 -6.47
C MET A 316 -4.55 25.81 -7.96
N ALA A 317 -3.99 24.68 -8.40
CA ALA A 317 -3.73 24.51 -9.83
C ALA A 317 -5.02 24.52 -10.63
N MET A 318 -6.04 23.80 -10.15
CA MET A 318 -7.31 23.74 -10.87
C MET A 318 -7.91 25.12 -11.02
N ALA A 319 -7.98 25.88 -9.92
CA ALA A 319 -8.54 27.22 -9.99
C ALA A 319 -7.70 28.14 -10.86
N ARG A 320 -6.37 28.02 -10.78
CA ARG A 320 -5.50 28.85 -11.61
C ARG A 320 -5.76 28.59 -13.09
N ASP A 321 -5.94 27.33 -13.47
CA ASP A 321 -6.29 27.05 -14.86
C ASP A 321 -7.72 27.47 -15.17
N GLY A 322 -8.65 27.22 -14.24
CA GLY A 322 -9.99 27.75 -14.37
C GLY A 322 -11.14 26.79 -14.11
N LEU A 323 -10.86 25.55 -13.72
CA LEU A 323 -11.92 24.59 -13.48
C LEU A 323 -12.57 24.72 -12.11
N LEU A 324 -12.07 25.60 -11.25
CA LEU A 324 -12.61 25.84 -9.94
C LEU A 324 -12.64 27.34 -9.69
N PRO A 325 -13.50 27.81 -8.80
CA PRO A 325 -13.60 29.25 -8.58
C PRO A 325 -12.31 29.81 -8.03
N ALA A 326 -12.06 31.09 -8.31
CA ALA A 326 -10.86 31.75 -7.83
C ALA A 326 -10.74 31.73 -6.31
N PHE A 327 -11.80 31.34 -5.61
CA PHE A 327 -11.72 31.16 -4.16
C PHE A 327 -10.59 30.20 -3.79
N PHE A 328 -10.36 29.18 -4.60
CA PHE A 328 -9.28 28.23 -4.35
C PHE A 328 -7.93 28.71 -4.86
N SER A 329 -7.88 29.77 -5.66
CA SER A 329 -6.65 30.19 -6.31
C SER A 329 -5.81 31.11 -5.42
N GLU A 330 -6.42 32.18 -4.92
CA GLU A 330 -5.69 33.16 -4.12
C GLU A 330 -4.93 32.47 -2.98
N ILE A 331 -3.79 33.04 -2.63
CA ILE A 331 -2.96 32.56 -1.54
C ILE A 331 -2.85 33.66 -0.49
N SER A 332 -2.43 33.26 0.71
CA SER A 332 -2.32 34.22 1.79
C SER A 332 -1.25 35.26 1.47
N PRO A 333 -1.53 36.55 1.63
CA PRO A 333 -0.49 37.57 1.40
C PRO A 333 0.66 37.47 2.39
N ARG A 334 0.42 36.90 3.57
CA ARG A 334 1.43 36.81 4.62
C ARG A 334 2.10 35.44 4.67
N THR A 335 1.32 34.37 4.62
CA THR A 335 1.86 33.02 4.75
C THR A 335 2.30 32.42 3.42
N GLN A 336 1.93 33.05 2.30
CA GLN A 336 2.32 32.59 0.96
C GLN A 336 1.97 31.12 0.75
N VAL A 337 0.78 30.73 1.18
CA VAL A 337 0.35 29.33 1.08
C VAL A 337 -1.16 29.32 0.90
N PRO A 338 -1.73 28.42 0.09
CA PRO A 338 -3.19 28.30 0.06
C PRO A 338 -3.75 28.26 1.48
N VAL A 339 -4.59 29.23 1.83
CA VAL A 339 -5.19 29.29 3.16
C VAL A 339 -6.70 29.07 3.09
N LYS A 340 -7.35 29.57 2.03
CA LYS A 340 -8.79 29.36 1.90
C LYS A 340 -9.06 27.97 1.33
N SER A 341 -8.31 27.59 0.30
CA SER A 341 -8.46 26.24 -0.22
C SER A 341 -8.03 25.21 0.83
N THR A 342 -6.94 25.49 1.54
CA THR A 342 -6.50 24.59 2.59
C THR A 342 -7.54 24.49 3.70
N ILE A 343 -8.17 25.61 4.06
CA ILE A 343 -9.20 25.57 5.08
C ILE A 343 -10.40 24.76 4.61
N ALA A 344 -10.79 24.94 3.35
CA ALA A 344 -11.91 24.19 2.81
C ALA A 344 -11.61 22.69 2.84
N ILE A 345 -10.42 22.30 2.39
CA ILE A 345 -10.07 20.89 2.39
C ILE A 345 -9.99 20.36 3.82
N GLY A 346 -9.49 21.18 4.74
CA GLY A 346 -9.42 20.75 6.12
C GLY A 346 -10.79 20.51 6.73
N VAL A 347 -11.74 21.40 6.45
CA VAL A 347 -13.08 21.23 7.00
C VAL A 347 -13.78 20.05 6.33
N LEU A 348 -13.49 19.81 5.05
CA LEU A 348 -14.04 18.64 4.38
C LEU A 348 -13.52 17.37 5.01
N ALA A 349 -12.19 17.27 5.19
CA ALA A 349 -11.62 16.08 5.79
C ALA A 349 -12.09 15.91 7.23
N ALA A 350 -12.23 17.02 7.96
CA ALA A 350 -12.72 16.94 9.33
C ALA A 350 -14.13 16.38 9.38
N ALA A 351 -15.00 16.87 8.50
CA ALA A 351 -16.37 16.34 8.47
C ALA A 351 -16.37 14.87 8.07
N LEU A 352 -15.57 14.51 7.07
CA LEU A 352 -15.56 13.14 6.58
C LEU A 352 -15.07 12.18 7.66
N ALA A 353 -14.05 12.59 8.43
CA ALA A 353 -13.57 11.74 9.53
C ALA A 353 -14.54 11.74 10.70
N PHE A 354 -15.23 12.87 10.91
CA PHE A 354 -16.21 12.95 11.99
C PHE A 354 -17.37 12.00 11.76
N PHE A 355 -17.86 11.91 10.53
CA PHE A 355 -19.04 11.10 10.25
C PHE A 355 -18.66 9.66 9.88
N MET A 356 -17.88 9.47 8.83
CA MET A 356 -17.61 8.14 8.33
C MET A 356 -16.60 7.41 9.21
N ASP A 357 -16.82 6.12 9.40
CA ASP A 357 -15.92 5.27 10.16
C ASP A 357 -14.68 4.95 9.34
N VAL A 358 -13.63 4.53 10.04
CA VAL A 358 -12.38 4.18 9.36
C VAL A 358 -12.60 2.99 8.44
N ALA A 359 -13.37 2.00 8.88
CA ALA A 359 -13.66 0.85 8.05
C ALA A 359 -14.40 1.24 6.77
N GLN A 360 -15.10 2.37 6.78
CA GLN A 360 -15.78 2.87 5.59
C GLN A 360 -14.88 3.78 4.76
N LEU A 361 -14.01 4.55 5.41
CA LEU A 361 -13.10 5.43 4.69
C LEU A 361 -12.09 4.62 3.88
N SER A 362 -11.65 3.48 4.42
CA SER A 362 -10.64 2.67 3.74
C SER A 362 -11.18 1.99 2.49
N GLU A 363 -12.48 2.05 2.25
CA GLU A 363 -13.13 1.35 1.14
C GLU A 363 -13.29 2.23 -0.08
N MET A 364 -12.72 3.43 -0.08
CA MET A 364 -12.87 4.37 -1.18
C MET A 364 -11.56 5.04 -1.61
N VAL A 365 -10.46 4.77 -0.92
CA VAL A 365 -9.25 5.59 -1.08
C VAL A 365 -8.42 5.14 -2.28
N SER A 366 -8.30 3.83 -2.50
CA SER A 366 -7.18 3.30 -3.28
C SER A 366 -7.18 3.74 -4.74
N VAL A 367 -8.33 4.07 -5.32
CA VAL A 367 -8.40 4.12 -6.78
C VAL A 367 -7.75 5.36 -7.38
N GLY A 368 -7.75 6.50 -6.66
CA GLY A 368 -7.29 7.73 -7.28
C GLY A 368 -5.82 7.70 -7.65
N THR A 369 -4.97 7.24 -6.73
CA THR A 369 -3.53 7.29 -6.97
C THR A 369 -3.12 6.39 -8.12
N LEU A 370 -3.79 5.25 -8.28
CA LEU A 370 -3.47 4.37 -9.41
C LEU A 370 -3.77 5.06 -10.73
N MET A 371 -4.91 5.75 -10.81
CA MET A 371 -5.23 6.49 -12.03
C MET A 371 -4.22 7.60 -12.27
N ALA A 372 -3.77 8.28 -11.20
CA ALA A 372 -2.75 9.30 -11.37
C ALA A 372 -1.46 8.70 -11.93
N PHE A 373 -1.06 7.54 -11.41
CA PHE A 373 0.16 6.88 -11.90
C PHE A 373 0.02 6.54 -13.38
N THR A 374 -1.09 5.88 -13.75
CA THR A 374 -1.34 5.46 -15.13
C THR A 374 -1.32 6.67 -16.01
N ALA A 375 -1.99 7.74 -15.59
CA ALA A 375 -2.06 8.99 -16.39
C ALA A 375 -0.65 9.52 -16.61
N VAL A 376 0.18 9.61 -15.58
CA VAL A 376 1.57 10.15 -15.67
C VAL A 376 2.41 9.23 -16.58
N ALA A 377 2.20 7.93 -16.56
CA ALA A 377 2.93 7.00 -17.44
C ALA A 377 2.55 7.30 -18.89
N VAL A 378 1.25 7.39 -19.16
CA VAL A 378 0.80 7.66 -20.55
C VAL A 378 1.39 9.01 -20.91
N CYS A 379 1.54 9.92 -19.93
CA CYS A 379 2.01 11.30 -20.17
C CYS A 379 3.48 11.30 -20.56
N VAL A 380 4.34 10.55 -19.89
CA VAL A 380 5.76 10.44 -20.31
C VAL A 380 5.72 9.84 -21.72
N LEU A 381 4.92 8.80 -21.95
CA LEU A 381 4.95 8.13 -23.28
C LEU A 381 4.58 9.15 -24.35
N VAL A 382 3.67 10.09 -24.06
CA VAL A 382 3.14 11.05 -25.08
C VAL A 382 4.01 12.31 -25.19
N LEU A 383 4.77 12.64 -24.16
CA LEU A 383 5.56 13.90 -24.15
C LEU A 383 6.95 13.60 -24.68
N ARG A 384 7.35 12.32 -24.68
CA ARG A 384 8.73 11.99 -25.11
C ARG A 384 8.73 11.51 -26.57
N TYR A 385 7.57 11.16 -27.11
CA TYR A 385 7.40 10.65 -28.47
C TYR A 385 6.56 11.57 -29.33
N VAL A 386 5.40 12.00 -28.84
CA VAL A 386 4.51 12.87 -29.62
C VAL A 386 4.12 14.06 -28.75
N PRO A 387 5.08 14.88 -28.33
CA PRO A 387 4.76 16.08 -27.55
C PRO A 387 3.70 16.91 -28.24
N PRO A 388 2.69 17.39 -27.51
CA PRO A 388 1.59 18.12 -28.16
C PRO A 388 1.93 19.59 -28.40
N ASP A 389 2.96 19.82 -29.20
CA ASP A 389 3.36 21.16 -29.59
C ASP A 389 4.08 21.10 -30.93
N GLY A 390 4.05 22.22 -31.65
CA GLY A 390 4.68 22.31 -32.95
C GLY A 390 4.15 21.28 -33.93
N TYR A 436 12.20 11.65 -42.23
CA TYR A 436 12.02 10.27 -42.63
C TYR A 436 10.55 9.99 -42.94
N PHE A 437 9.68 10.35 -41.99
CA PHE A 437 8.25 10.20 -42.13
C PHE A 437 7.58 11.52 -41.74
N GLY A 438 6.53 11.90 -42.49
CA GLY A 438 5.68 12.99 -42.06
C GLY A 438 4.50 12.49 -41.24
N LYS A 439 4.18 11.21 -41.40
CA LYS A 439 3.11 10.56 -40.65
C LYS A 439 3.58 10.00 -39.31
N ARG A 440 4.81 10.33 -38.90
CA ARG A 440 5.36 9.75 -37.69
C ARG A 440 4.54 10.14 -36.47
N ARG A 441 4.08 11.39 -36.40
CA ARG A 441 3.29 11.83 -35.26
C ARG A 441 2.02 11.00 -35.13
N LYS A 442 1.28 10.85 -36.22
CA LYS A 442 0.01 10.13 -36.16
C LYS A 442 0.23 8.64 -35.87
N ILE A 443 1.25 8.04 -36.48
CA ILE A 443 1.48 6.62 -36.24
C ILE A 443 1.90 6.40 -34.79
N ALA A 444 2.73 7.30 -34.25
CA ALA A 444 3.12 7.17 -32.85
C ALA A 444 1.91 7.34 -31.93
N ALA A 445 1.04 8.29 -32.23
CA ALA A 445 -0.15 8.48 -31.41
C ALA A 445 -1.05 7.24 -31.44
N TRP A 446 -1.24 6.67 -32.62
CA TRP A 446 -2.05 5.46 -32.71
C TRP A 446 -1.38 4.29 -32.01
N SER A 447 -0.05 4.26 -32.05
CA SER A 447 0.69 3.17 -31.38
C SER A 447 0.47 3.31 -29.87
N ILE A 448 0.53 4.52 -29.31
CA ILE A 448 0.32 4.74 -27.89
C ILE A 448 -1.11 4.39 -27.51
N ALA A 449 -2.08 4.78 -28.35
CA ALA A 449 -3.46 4.39 -28.09
C ALA A 449 -3.60 2.87 -28.08
N LEU A 450 -2.87 2.19 -28.98
CA LEU A 450 -2.99 0.74 -29.06
C LEU A 450 -2.38 0.06 -27.84
N VAL A 451 -1.27 0.62 -27.32
CA VAL A 451 -0.62 0.05 -26.11
C VAL A 451 -1.56 0.32 -24.92
N CYS A 452 -2.25 1.47 -24.88
CA CYS A 452 -3.20 1.78 -23.81
C CYS A 452 -4.41 0.86 -23.86
N ILE A 453 -4.86 0.49 -25.05
CA ILE A 453 -5.97 -0.44 -25.18
C ILE A 453 -5.54 -1.87 -24.85
N GLY A 454 -4.35 -2.27 -25.32
CA GLY A 454 -3.92 -3.65 -25.12
C GLY A 454 -3.61 -3.97 -23.67
N VAL A 455 -3.00 -3.03 -22.95
CA VAL A 455 -2.76 -3.23 -21.52
C VAL A 455 -4.08 -3.47 -20.80
N LEU A 456 -5.07 -2.63 -21.09
CA LEU A 456 -6.41 -2.82 -20.51
C LEU A 456 -6.96 -4.19 -20.87
N GLY A 457 -6.88 -4.54 -22.15
CA GLY A 457 -7.46 -5.80 -22.59
C GLY A 457 -6.86 -7.00 -21.88
N LEU A 458 -5.54 -7.11 -21.89
CA LEU A 458 -4.92 -8.29 -21.31
C LEU A 458 -4.87 -8.25 -19.79
N ALA A 459 -4.93 -7.07 -19.18
CA ALA A 459 -5.00 -6.99 -17.73
C ALA A 459 -6.40 -7.27 -17.21
N SER A 460 -7.43 -7.07 -18.02
CA SER A 460 -8.77 -7.48 -17.65
C SER A 460 -9.04 -8.94 -18.01
N ALA A 461 -8.40 -9.44 -19.06
CA ALA A 461 -8.46 -10.87 -19.36
C ALA A 461 -7.76 -11.69 -18.28
N ALA A 462 -6.55 -11.28 -17.89
CA ALA A 462 -5.80 -12.05 -16.91
C ALA A 462 -6.36 -11.91 -15.50
N SER A 463 -7.16 -10.88 -15.24
CA SER A 463 -7.73 -10.65 -13.92
C SER A 463 -9.22 -10.94 -13.89
N ALA A 464 -9.73 -11.66 -14.89
CA ALA A 464 -11.14 -12.02 -14.98
C ALA A 464 -11.23 -13.54 -15.12
N GLU A 465 -11.37 -14.23 -13.99
CA GLU A 465 -11.51 -15.67 -13.99
C GLU A 465 -12.96 -16.10 -14.10
N ARG A 466 -13.89 -15.14 -14.00
CA ARG A 466 -15.31 -15.44 -14.14
C ARG A 466 -15.68 -15.72 -15.59
N LEU A 467 -14.89 -15.19 -16.53
CA LEU A 467 -15.12 -15.45 -17.94
C LEU A 467 -14.72 -16.89 -18.29
N PRO A 468 -15.44 -17.55 -19.18
CA PRO A 468 -14.99 -18.88 -19.63
C PRO A 468 -13.64 -18.81 -20.32
N SER A 469 -12.89 -19.91 -20.21
CA SER A 469 -11.52 -19.92 -20.74
C SER A 469 -11.49 -19.82 -22.25
N PHE A 470 -12.50 -20.37 -22.93
CA PHE A 470 -12.45 -20.41 -24.40
C PHE A 470 -12.37 -19.02 -25.01
N PRO A 471 -13.25 -18.06 -24.64
CA PRO A 471 -13.07 -16.69 -25.17
C PRO A 471 -12.02 -15.89 -24.42
N ARG A 472 -11.74 -16.26 -23.16
CA ARG A 472 -10.68 -15.58 -22.42
C ARG A 472 -9.34 -15.71 -23.14
N PHE A 473 -9.05 -16.91 -23.64
CA PHE A 473 -7.80 -17.12 -24.37
C PHE A 473 -7.74 -16.23 -25.60
N THR A 474 -8.83 -16.16 -26.36
CA THR A 474 -8.83 -15.34 -27.56
C THR A 474 -8.63 -13.87 -27.24
N ILE A 475 -9.35 -13.36 -26.23
CA ILE A 475 -9.24 -11.94 -25.89
C ILE A 475 -7.83 -11.62 -25.41
N CYS A 476 -7.29 -12.46 -24.51
CA CYS A 476 -5.95 -12.17 -24.00
C CYS A 476 -4.93 -12.24 -25.12
N GLY A 477 -5.05 -13.23 -26.02
CA GLY A 477 -4.10 -13.34 -27.12
C GLY A 477 -4.16 -12.16 -28.07
N VAL A 478 -5.37 -11.75 -28.45
CA VAL A 478 -5.48 -10.62 -29.38
C VAL A 478 -4.99 -9.33 -28.73
N SER A 479 -5.34 -9.10 -27.46
CA SER A 479 -4.85 -7.93 -26.77
C SER A 479 -3.33 -7.95 -26.68
N ALA A 480 -2.75 -9.11 -26.36
CA ALA A 480 -1.30 -9.21 -26.24
C ALA A 480 -0.62 -8.96 -27.57
N VAL A 481 -1.15 -9.55 -28.66
CA VAL A 481 -0.49 -9.40 -29.94
C VAL A 481 -0.57 -7.95 -30.43
N ILE A 482 -1.72 -7.29 -30.24
CA ILE A 482 -1.77 -5.89 -30.64
C ILE A 482 -0.86 -5.05 -29.76
N LEU A 483 -0.74 -5.38 -28.48
CA LEU A 483 0.18 -4.66 -27.61
C LEU A 483 1.62 -4.83 -28.09
N LEU A 484 2.01 -6.07 -28.42
CA LEU A 484 3.36 -6.34 -28.87
C LEU A 484 3.65 -5.61 -30.16
N GLY A 485 2.69 -5.61 -31.09
CA GLY A 485 2.88 -4.90 -32.34
C GLY A 485 3.03 -3.41 -32.13
N SER A 486 2.20 -2.85 -31.25
CA SER A 486 2.30 -1.42 -30.95
C SER A 486 3.64 -1.09 -30.32
N LEU A 487 4.12 -1.95 -29.42
CA LEU A 487 5.44 -1.72 -28.82
C LEU A 487 6.54 -1.77 -29.87
N ILE A 488 6.44 -2.71 -30.82
CA ILE A 488 7.44 -2.82 -31.88
C ILE A 488 7.42 -1.54 -32.72
N THR A 489 6.23 -1.07 -33.08
CA THR A 489 6.13 0.17 -33.85
C THR A 489 6.69 1.35 -33.06
N LEU A 490 6.37 1.42 -31.77
CA LEU A 490 6.82 2.53 -30.94
C LEU A 490 8.35 2.56 -30.84
N GLY A 491 8.96 1.39 -30.67
CA GLY A 491 10.42 1.35 -30.66
C GLY A 491 11.02 1.66 -32.01
N TYR A 492 10.39 1.20 -33.08
CA TYR A 492 10.90 1.46 -34.43
C TYR A 492 10.94 2.95 -34.71
N ILE A 493 9.89 3.68 -34.32
CA ILE A 493 9.90 5.14 -34.41
C ILE A 493 10.71 5.70 -33.26
N ASP A 494 11.70 6.53 -33.58
CA ASP A 494 12.61 7.04 -32.57
C ASP A 494 11.97 8.21 -31.81
N GLU A 495 12.59 8.55 -30.67
CA GLU A 495 12.06 9.64 -29.81
C GLU A 495 12.09 10.96 -30.57
N ASP A 496 11.03 11.75 -30.45
CA ASP A 496 10.98 13.11 -31.09
C ASP A 496 12.05 13.97 -30.45
N GLU A 497 12.78 14.76 -31.24
CA GLU A 497 13.89 15.61 -30.73
C GLU A 497 13.31 16.92 -30.18
N GLU A 498 12.02 17.19 -30.39
CA GLU A 498 11.34 18.40 -29.84
C GLU A 498 11.16 18.20 -28.33
N ARG A 499 11.38 16.99 -27.83
CA ARG A 499 11.30 16.68 -26.37
C ARG A 499 12.33 17.54 -25.63
N HIS A 500 13.34 18.07 -26.33
CA HIS A 500 14.36 18.97 -25.73
C HIS A 500 13.70 20.29 -25.37
N ASN A 501 12.48 20.55 -25.85
CA ASN A 501 11.82 21.87 -25.68
C ASN A 501 10.78 21.88 -24.54
N PHE A 502 10.02 20.79 -24.32
CA PHE A 502 8.94 20.85 -23.35
C PHE A 502 9.48 21.15 -21.95
N GLY A 503 8.77 22.01 -21.23
CA GLY A 503 9.21 22.40 -19.90
C GLY A 503 10.53 23.15 -19.97
N HIS A 504 11.51 22.66 -19.22
CA HIS A 504 12.84 23.22 -19.19
C HIS A 504 13.84 22.16 -19.63
N LYS A 505 14.89 22.58 -20.32
CA LYS A 505 15.90 21.65 -20.80
C LYS A 505 16.65 21.02 -19.63
N GLY A 506 17.14 19.80 -19.85
CA GLY A 506 17.81 19.06 -18.81
C GLY A 506 16.83 18.29 -17.94
N GLY A 507 17.22 18.03 -16.69
CA GLY A 507 16.36 17.34 -15.76
C GLY A 507 16.46 15.83 -15.86
N PHE A 508 15.61 15.13 -15.10
CA PHE A 508 15.68 13.65 -15.09
C PHE A 508 14.84 13.09 -16.24
N LEU A 509 15.24 11.95 -16.82
CA LEU A 509 14.49 11.27 -17.91
C LEU A 509 14.39 9.78 -17.58
N CYS A 510 13.22 9.16 -17.66
CA CYS A 510 13.05 7.73 -17.25
C CYS A 510 14.11 6.88 -17.95
N PRO A 511 14.56 5.76 -17.34
CA PRO A 511 15.64 4.90 -17.92
C PRO A 511 15.20 4.25 -19.24
N PHE A 512 14.09 3.53 -19.25
CA PHE A 512 13.68 2.77 -20.47
C PHE A 512 12.33 3.28 -20.97
N VAL A 513 12.34 4.44 -21.64
CA VAL A 513 11.06 5.08 -22.08
C VAL A 513 10.15 4.12 -22.88
N PRO A 514 10.64 3.24 -23.79
CA PRO A 514 9.70 2.39 -24.61
C PRO A 514 9.08 1.26 -23.78
N TYR A 515 9.77 0.77 -22.74
CA TYR A 515 9.27 -0.38 -22.00
C TYR A 515 8.89 -0.06 -20.56
N LEU A 516 9.63 0.81 -19.87
CA LEU A 516 9.33 1.07 -18.47
C LEU A 516 7.96 1.71 -18.30
N PRO A 517 7.60 2.77 -19.03
CA PRO A 517 6.24 3.33 -18.89
C PRO A 517 5.15 2.32 -19.20
N VAL A 518 5.34 1.47 -20.20
CA VAL A 518 4.33 0.46 -20.51
C VAL A 518 4.20 -0.54 -19.37
N LEU A 519 5.32 -0.90 -18.75
CA LEU A 519 5.26 -1.79 -17.59
C LEU A 519 4.50 -1.13 -16.44
N CYS A 520 4.74 0.17 -16.23
CA CYS A 520 4.01 0.89 -15.19
C CYS A 520 2.52 0.90 -15.49
N ILE A 521 2.16 1.15 -16.76
CA ILE A 521 0.75 1.16 -17.14
C ILE A 521 0.13 -0.20 -16.87
N LEU A 522 0.81 -1.27 -17.26
CA LEU A 522 0.29 -2.61 -17.06
C LEU A 522 0.07 -2.89 -15.57
N ILE A 523 1.07 -2.55 -14.75
CA ILE A 523 0.97 -2.81 -13.31
C ILE A 523 -0.21 -2.05 -12.72
N ASN A 524 -0.30 -0.75 -13.03
CA ASN A 524 -1.35 0.06 -12.43
C ASN A 524 -2.73 -0.35 -12.93
N THR A 525 -2.85 -0.73 -14.20
CA THR A 525 -4.14 -1.18 -14.71
C THR A 525 -4.56 -2.49 -14.06
N TYR A 526 -3.62 -3.43 -13.88
CA TYR A 526 -3.96 -4.65 -13.18
C TYR A 526 -4.41 -4.37 -11.76
N LEU A 527 -3.71 -3.46 -11.07
CA LEU A 527 -4.10 -3.14 -9.70
C LEU A 527 -5.48 -2.50 -9.66
N ILE A 528 -5.76 -1.61 -10.60
CA ILE A 528 -7.06 -0.95 -10.65
C ILE A 528 -8.16 -1.98 -10.86
N ILE A 529 -7.97 -2.88 -11.82
CA ILE A 529 -9.01 -3.87 -12.13
C ILE A 529 -9.18 -4.84 -10.96
N ASN A 530 -8.08 -5.16 -10.27
CA ASN A 530 -8.16 -6.08 -9.13
C ASN A 530 -9.08 -5.51 -8.06
N ILE A 531 -9.03 -4.19 -7.84
CA ILE A 531 -9.84 -3.57 -6.81
C ILE A 531 -11.30 -3.96 -6.99
N GLY A 532 -11.96 -4.30 -5.88
CA GLY A 532 -13.32 -4.78 -5.93
C GLY A 532 -14.31 -3.70 -6.28
N ALA A 533 -15.54 -4.13 -6.55
CA ALA A 533 -16.60 -3.20 -6.92
C ALA A 533 -17.01 -2.29 -5.78
N GLY A 534 -16.73 -2.68 -4.53
CA GLY A 534 -17.15 -1.86 -3.41
C GLY A 534 -16.59 -0.45 -3.48
N THR A 535 -15.30 -0.36 -3.84
CA THR A 535 -14.57 0.93 -3.96
C THR A 535 -14.88 1.56 -5.28
N TRP A 536 -15.26 0.76 -6.27
CA TRP A 536 -15.49 1.26 -7.61
C TRP A 536 -16.82 2.00 -7.71
N ILE A 537 -17.86 1.49 -7.04
CA ILE A 537 -19.14 2.19 -7.07
C ILE A 537 -19.00 3.58 -6.45
N ARG A 538 -18.31 3.66 -5.31
CA ARG A 538 -18.16 4.94 -4.63
C ARG A 538 -17.33 5.90 -5.45
N VAL A 539 -16.21 5.43 -6.02
CA VAL A 539 -15.40 6.32 -6.83
C VAL A 539 -16.14 6.71 -8.10
N LEU A 540 -17.02 5.83 -8.60
CA LEU A 540 -17.82 6.17 -9.78
C LEU A 540 -18.81 7.28 -9.47
N ILE A 541 -19.50 7.20 -8.34
CA ILE A 541 -20.44 8.26 -8.00
C ILE A 541 -19.69 9.55 -7.71
N TRP A 542 -18.50 9.45 -7.10
CA TRP A 542 -17.74 10.66 -6.82
C TRP A 542 -17.28 11.31 -8.13
N LEU A 543 -16.80 10.50 -9.08
CA LEU A 543 -16.37 11.02 -10.36
C LEU A 543 -17.56 11.57 -11.12
N LEU A 544 -18.74 10.98 -10.94
CA LEU A 544 -19.95 11.50 -11.56
C LEU A 544 -20.23 12.90 -11.02
N ILE A 545 -20.12 13.06 -9.70
CA ILE A 545 -20.30 14.38 -9.10
C ILE A 545 -19.30 15.34 -9.74
N GLY A 546 -18.07 14.87 -9.92
CA GLY A 546 -17.03 15.69 -10.50
C GLY A 546 -17.39 16.11 -11.91
N SER A 547 -17.91 15.17 -12.69
CA SER A 547 -18.26 15.49 -14.06
C SER A 547 -19.42 16.47 -14.08
N MET A 548 -20.34 16.35 -13.11
CA MET A 548 -21.43 17.31 -13.02
C MET A 548 -20.88 18.71 -12.79
N ILE A 549 -20.02 18.86 -11.78
CA ILE A 549 -19.46 20.18 -11.52
C ILE A 549 -18.78 20.68 -12.78
N TYR A 550 -18.02 19.81 -13.45
CA TYR A 550 -17.25 20.23 -14.61
C TYR A 550 -18.16 20.75 -15.71
N ILE A 551 -19.22 19.99 -16.03
CA ILE A 551 -20.08 20.40 -17.14
C ILE A 551 -20.88 21.64 -16.78
N PHE A 552 -21.25 21.81 -15.50
CA PHE A 552 -22.06 22.96 -15.13
C PHE A 552 -21.22 24.21 -14.96
N TYR A 553 -19.93 24.03 -14.66
CA TYR A 553 -19.00 25.13 -14.46
C TYR A 553 -17.61 24.54 -14.54
N GLY A 554 -16.81 25.03 -15.48
CA GLY A 554 -15.46 24.54 -15.68
C GLY A 554 -15.20 24.35 -17.16
N ARG A 555 -16.24 23.95 -17.89
CA ARG A 555 -16.20 23.92 -19.34
C ARG A 555 -16.68 25.24 -19.94
N SER A 556 -17.71 25.84 -19.35
CA SER A 556 -18.19 27.14 -19.83
C SER A 556 -17.19 28.24 -19.53
N HIS A 557 -16.58 28.22 -18.34
CA HIS A 557 -15.60 29.22 -17.93
C HIS A 557 -14.31 28.49 -17.56
N SER A 558 -13.31 28.63 -18.42
CA SER A 558 -12.00 28.02 -18.19
C SER A 558 -11.02 28.56 -19.21
N LEU A 559 -9.82 28.89 -18.74
CA LEU A 559 -8.79 29.39 -19.64
C LEU A 559 -8.39 28.28 -20.63
N LEU A 560 -7.94 28.71 -21.81
CA LEU A 560 -7.58 27.85 -22.94
C LEU A 560 -8.80 27.26 -23.62
N ASN A 561 -10.00 27.51 -23.12
CA ASN A 561 -11.24 27.09 -23.77
C ASN A 561 -12.30 28.17 -23.82
N ASN A 562 -12.10 29.30 -23.13
CA ASN A 562 -13.06 30.39 -23.14
C ASN A 562 -12.55 31.51 -24.05
N GLN B 5 -4.04 -18.94 28.13
CA GLN B 5 -2.81 -18.86 27.30
C GLN B 5 -2.98 -19.71 26.03
N VAL B 6 -1.98 -19.71 25.14
CA VAL B 6 -2.06 -20.51 23.89
C VAL B 6 -1.88 -22.00 24.26
N GLN B 7 -2.82 -22.85 23.81
CA GLN B 7 -2.74 -24.31 24.08
C GLN B 7 -3.41 -25.07 22.93
N LEU B 8 -2.85 -26.22 22.54
CA LEU B 8 -3.40 -26.97 21.37
C LEU B 8 -3.74 -28.40 21.79
N VAL B 9 -4.98 -28.83 21.57
CA VAL B 9 -5.35 -30.25 21.87
C VAL B 9 -5.84 -30.89 20.56
N GLU B 10 -5.37 -32.11 20.24
CA GLU B 10 -5.73 -32.72 18.95
C GLU B 10 -6.23 -34.16 19.14
N SER B 11 -7.16 -34.61 18.30
CA SER B 11 -7.65 -35.98 18.36
C SER B 11 -8.02 -36.41 16.96
N GLY B 12 -8.26 -37.72 16.81
CA GLY B 12 -8.65 -38.33 15.55
C GLY B 12 -7.73 -39.44 15.09
N GLY B 13 -6.47 -39.42 15.53
CA GLY B 13 -5.54 -40.44 15.11
C GLY B 13 -5.88 -41.78 15.72
N GLY B 14 -5.56 -42.84 14.97
CA GLY B 14 -5.81 -44.18 15.44
C GLY B 14 -5.51 -45.19 14.36
N LEU B 15 -5.66 -46.46 14.73
CA LEU B 15 -5.40 -47.54 13.79
C LEU B 15 -6.43 -47.51 12.67
N VAL B 16 -5.96 -47.66 11.43
CA VAL B 16 -6.81 -47.64 10.26
C VAL B 16 -6.29 -48.63 9.23
N GLN B 17 -7.19 -49.12 8.39
CA GLN B 17 -6.79 -50.04 7.34
C GLN B 17 -5.91 -49.34 6.31
N ALA B 18 -5.02 -50.12 5.69
CA ALA B 18 -4.12 -49.57 4.69
C ALA B 18 -4.92 -48.99 3.52
N GLY B 19 -4.45 -47.86 3.01
CA GLY B 19 -5.11 -47.19 1.90
C GLY B 19 -6.35 -46.40 2.26
N GLY B 20 -6.65 -46.26 3.56
CA GLY B 20 -7.83 -45.54 3.98
C GLY B 20 -7.59 -44.05 4.05
N SER B 21 -8.48 -43.37 4.77
CA SER B 21 -8.41 -41.92 4.94
C SER B 21 -8.66 -41.57 6.40
N LEU B 22 -8.13 -40.42 6.79
CA LEU B 22 -8.24 -39.96 8.17
C LEU B 22 -8.37 -38.44 8.19
N ARG B 23 -8.92 -37.93 9.29
CA ARG B 23 -8.96 -36.50 9.54
C ARG B 23 -8.58 -36.26 10.99
N LEU B 24 -7.61 -35.40 11.21
CA LEU B 24 -7.14 -35.06 12.55
C LEU B 24 -7.62 -33.66 12.90
N SER B 25 -8.27 -33.52 14.04
CA SER B 25 -8.82 -32.26 14.49
C SER B 25 -7.95 -31.73 15.63
N CYS B 26 -7.43 -30.51 15.46
CA CYS B 26 -6.58 -29.87 16.44
C CYS B 26 -7.28 -28.60 16.93
N ALA B 27 -7.71 -28.62 18.19
CA ALA B 27 -8.55 -27.57 18.76
C ALA B 27 -7.67 -26.53 19.43
N ALA B 28 -7.82 -25.27 19.02
CA ALA B 28 -7.06 -24.18 19.60
C ALA B 28 -7.71 -23.74 20.92
N SER B 29 -6.99 -22.90 21.65
CA SER B 29 -7.46 -22.40 22.93
C SER B 29 -6.66 -21.17 23.31
N GLY B 30 -7.34 -20.18 23.89
CA GLY B 30 -6.69 -18.97 24.36
C GLY B 30 -6.33 -17.97 23.28
N PHE B 31 -6.71 -18.23 22.03
CA PHE B 31 -6.44 -17.30 20.95
C PHE B 31 -7.30 -17.67 19.75
N PRO B 32 -7.80 -16.70 18.97
CA PRO B 32 -8.51 -17.06 17.74
C PRO B 32 -7.58 -17.77 16.77
N VAL B 33 -8.11 -18.80 16.10
CA VAL B 33 -7.29 -19.59 15.19
C VAL B 33 -6.90 -18.82 13.94
N ASN B 34 -7.52 -17.68 13.69
CA ASN B 34 -7.29 -16.95 12.44
C ASN B 34 -5.98 -16.19 12.45
N MET B 35 -5.46 -15.81 13.63
CA MET B 35 -4.40 -14.81 13.70
C MET B 35 -3.00 -15.40 13.57
N TYR B 36 -2.86 -16.72 13.51
CA TYR B 36 -1.54 -17.35 13.37
C TYR B 36 -1.59 -18.44 12.32
N TRP B 37 -0.45 -18.62 11.64
CA TRP B 37 -0.24 -19.82 10.86
C TRP B 37 -0.48 -21.04 11.73
N MET B 38 -0.84 -22.15 11.10
CA MET B 38 -0.98 -23.42 11.81
C MET B 38 -0.33 -24.50 10.97
N HIS B 39 0.65 -25.17 11.54
CA HIS B 39 1.42 -26.21 10.86
C HIS B 39 1.13 -27.56 11.51
N TRP B 40 1.56 -28.61 10.82
CA TRP B 40 1.49 -29.95 11.37
C TRP B 40 2.85 -30.62 11.26
N TYR B 41 3.15 -31.48 12.22
CA TYR B 41 4.47 -32.09 12.32
C TYR B 41 4.32 -33.59 12.52
N ARG B 42 5.32 -34.33 12.06
CA ARG B 42 5.34 -35.78 12.17
C ARG B 42 6.64 -36.20 12.85
N GLN B 43 6.66 -37.44 13.34
CA GLN B 43 7.88 -38.05 13.86
C GLN B 43 7.66 -39.52 14.14
N ALA B 44 8.33 -40.39 13.39
CA ALA B 44 8.30 -41.80 13.68
C ALA B 44 9.29 -42.13 14.80
N PRO B 45 9.12 -43.28 15.45
CA PRO B 45 10.00 -43.59 16.60
C PRO B 45 11.48 -43.54 16.25
N GLY B 46 11.85 -43.96 15.05
CA GLY B 46 13.24 -44.00 14.63
C GLY B 46 13.70 -42.82 13.80
N LYS B 47 12.94 -41.73 13.77
CA LYS B 47 13.28 -40.57 12.96
C LYS B 47 13.00 -39.30 13.74
N GLU B 48 13.60 -38.21 13.28
CA GLU B 48 13.37 -36.89 13.85
C GLU B 48 12.13 -36.26 13.19
N ARG B 49 11.74 -35.08 13.67
CA ARG B 49 10.47 -34.49 13.29
C ARG B 49 10.41 -34.24 11.79
N GLU B 50 9.21 -34.27 11.23
CA GLU B 50 9.00 -34.16 9.79
C GLU B 50 7.77 -33.29 9.55
N TRP B 51 7.99 -32.06 9.10
CA TRP B 51 6.90 -31.14 8.84
C TRP B 51 5.94 -31.73 7.81
N VAL B 52 4.66 -31.40 7.92
CA VAL B 52 3.62 -32.01 7.09
C VAL B 52 2.94 -30.96 6.24
N ALA B 53 2.27 -30.00 6.87
CA ALA B 53 1.44 -29.05 6.16
C ALA B 53 1.38 -27.76 6.97
N ALA B 54 0.95 -26.68 6.31
CA ALA B 54 0.97 -25.37 6.95
C ALA B 54 -0.09 -24.48 6.32
N ILE B 55 -1.19 -24.25 7.05
CA ILE B 55 -2.21 -23.31 6.63
C ILE B 55 -1.64 -21.91 6.81
N GLN B 56 -2.32 -20.92 6.26
CA GLN B 56 -1.88 -19.52 6.33
C GLN B 56 -2.83 -18.79 7.26
N SER B 57 -2.28 -18.01 8.20
CA SER B 57 -3.10 -17.36 9.22
C SER B 57 -4.29 -16.63 8.59
N TYR B 58 -4.02 -15.65 7.74
CA TYR B 58 -5.07 -14.87 7.11
C TYR B 58 -5.21 -15.40 5.69
N GLY B 59 -6.45 -15.61 5.26
CA GLY B 59 -6.66 -16.30 4.00
C GLY B 59 -6.49 -17.79 4.27
N GLN B 60 -6.71 -18.60 3.24
CA GLN B 60 -6.72 -20.04 3.45
C GLN B 60 -5.78 -20.76 2.49
N TRP B 61 -4.63 -20.18 2.18
CA TRP B 61 -3.67 -20.87 1.35
C TRP B 61 -3.00 -21.98 2.16
N THR B 62 -2.56 -23.03 1.49
CA THR B 62 -1.93 -24.16 2.16
C THR B 62 -0.75 -24.65 1.35
N ALA B 63 0.28 -25.12 2.06
CA ALA B 63 1.45 -25.70 1.43
C ALA B 63 1.77 -27.02 2.12
N TYR B 64 2.38 -27.93 1.37
CA TYR B 64 2.62 -29.29 1.83
C TYR B 64 4.04 -29.70 1.50
N ALA B 65 4.53 -30.68 2.25
CA ALA B 65 5.87 -31.21 2.00
C ALA B 65 5.88 -32.02 0.71
N ASP B 66 7.07 -32.23 0.17
CA ASP B 66 7.20 -32.94 -1.09
C ASP B 66 6.63 -34.36 -0.98
N SER B 67 6.91 -35.04 0.13
CA SER B 67 6.51 -36.43 0.28
C SER B 67 5.00 -36.60 0.48
N VAL B 68 4.26 -35.51 0.69
CA VAL B 68 2.85 -35.58 1.06
C VAL B 68 1.97 -34.65 0.24
N LYS B 69 2.56 -33.83 -0.64
CA LYS B 69 1.78 -32.82 -1.35
C LYS B 69 0.65 -33.48 -2.13
N GLY B 70 -0.54 -32.87 -2.04
CA GLY B 70 -1.74 -33.37 -2.69
C GLY B 70 -2.47 -34.42 -1.88
N ARG B 71 -1.72 -35.34 -1.26
CA ARG B 71 -2.36 -36.41 -0.49
C ARG B 71 -3.17 -35.84 0.67
N PHE B 72 -2.61 -34.86 1.38
CA PHE B 72 -3.24 -34.32 2.57
C PHE B 72 -3.95 -33.01 2.26
N THR B 73 -5.05 -32.77 2.95
CA THR B 73 -5.78 -31.52 2.87
C THR B 73 -5.90 -30.95 4.28
N ILE B 74 -5.44 -29.72 4.45
CA ILE B 74 -5.49 -29.02 5.74
C ILE B 74 -6.53 -27.91 5.64
N SER B 75 -7.50 -27.93 6.54
CA SER B 75 -8.57 -26.95 6.57
C SER B 75 -8.67 -26.36 7.98
N ARG B 76 -9.64 -25.47 8.16
CA ARG B 76 -9.76 -24.72 9.40
C ARG B 76 -11.21 -24.36 9.65
N ASP B 77 -11.57 -24.25 10.92
CA ASP B 77 -12.91 -23.85 11.34
C ASP B 77 -12.77 -22.65 12.26
N ASN B 78 -13.11 -21.47 11.75
CA ASN B 78 -12.96 -20.25 12.52
C ASN B 78 -13.99 -20.13 13.65
N ALA B 79 -15.11 -20.83 13.53
CA ALA B 79 -16.14 -20.77 14.57
C ALA B 79 -15.77 -21.64 15.77
N LYS B 80 -15.44 -22.90 15.53
CA LYS B 80 -15.05 -23.81 16.60
C LYS B 80 -13.58 -23.67 16.98
N ASN B 81 -12.82 -22.84 16.27
CA ASN B 81 -11.39 -22.69 16.53
C ASN B 81 -10.69 -24.04 16.52
N THR B 82 -10.87 -24.76 15.41
CA THR B 82 -10.27 -26.07 15.21
C THR B 82 -9.63 -26.11 13.83
N VAL B 83 -8.47 -26.75 13.74
CA VAL B 83 -7.76 -26.93 12.48
C VAL B 83 -7.76 -28.41 12.15
N TYR B 84 -8.18 -28.74 10.93
CA TYR B 84 -8.36 -30.11 10.49
C TYR B 84 -7.30 -30.47 9.47
N LEU B 85 -6.68 -31.63 9.65
CA LEU B 85 -5.76 -32.21 8.68
C LEU B 85 -6.42 -33.47 8.13
N GLN B 86 -6.73 -33.46 6.84
CA GLN B 86 -7.41 -34.57 6.19
C GLN B 86 -6.41 -35.38 5.38
N MET B 87 -6.35 -36.67 5.65
CA MET B 87 -5.49 -37.59 4.91
C MET B 87 -6.37 -38.36 3.92
N ASN B 88 -6.26 -38.01 2.64
CA ASN B 88 -7.08 -38.65 1.63
C ASN B 88 -6.57 -40.05 1.28
N SER B 89 -5.26 -40.22 1.21
CA SER B 89 -4.66 -41.50 0.84
C SER B 89 -3.48 -41.77 1.76
N LEU B 90 -3.64 -42.75 2.66
CA LEU B 90 -2.60 -43.07 3.62
C LEU B 90 -1.71 -44.19 3.09
N LYS B 91 -0.48 -44.24 3.61
CA LYS B 91 0.44 -45.33 3.34
C LYS B 91 1.36 -45.47 4.55
N PRO B 92 2.00 -46.63 4.72
CA PRO B 92 2.83 -46.83 5.92
C PRO B 92 3.92 -45.80 6.09
N GLU B 93 4.30 -45.08 5.03
CA GLU B 93 5.32 -44.05 5.16
C GLU B 93 4.93 -43.01 6.20
N ASP B 94 3.64 -42.73 6.35
CA ASP B 94 3.17 -41.69 7.24
C ASP B 94 2.93 -42.20 8.67
N THR B 95 3.12 -43.49 8.91
CA THR B 95 2.94 -44.02 10.27
C THR B 95 3.85 -43.29 11.23
N ALA B 96 3.28 -42.47 12.11
CA ALA B 96 4.06 -41.66 13.03
C ALA B 96 3.10 -40.88 13.91
N VAL B 97 3.66 -40.19 14.90
CA VAL B 97 2.89 -39.32 15.78
C VAL B 97 2.71 -37.98 15.09
N TYR B 98 1.56 -37.36 15.31
CA TYR B 98 1.20 -36.11 14.64
C TYR B 98 1.08 -34.98 15.66
N TYR B 99 1.56 -33.80 15.27
CA TYR B 99 1.46 -32.60 16.09
C TYR B 99 0.91 -31.46 15.24
N CYS B 100 0.28 -30.50 15.90
CA CYS B 100 -0.19 -29.26 15.28
C CYS B 100 0.52 -28.10 15.95
N ALA B 101 1.06 -27.18 15.14
CA ALA B 101 1.92 -26.11 15.63
C ALA B 101 1.39 -24.74 15.21
N VAL B 102 1.47 -23.79 16.13
CA VAL B 102 1.05 -22.41 15.87
C VAL B 102 2.25 -21.61 15.37
N GLY B 103 1.97 -20.46 14.81
CA GLY B 103 3.00 -19.51 14.45
C GLY B 103 3.60 -19.79 13.08
N VAL B 104 4.30 -18.78 12.53
CA VAL B 104 4.93 -18.94 11.19
C VAL B 104 5.88 -20.15 11.25
N GLY B 105 6.59 -20.32 12.37
CA GLY B 105 7.48 -21.49 12.53
C GLY B 105 6.99 -22.37 13.67
N GLY B 106 7.77 -23.40 14.04
CA GLY B 106 7.39 -24.30 15.14
C GLY B 106 7.62 -23.61 16.47
N TYR B 107 6.70 -22.73 16.88
CA TYR B 107 6.86 -21.97 18.14
C TYR B 107 6.19 -22.73 19.28
N TYR B 108 5.01 -23.31 19.02
CA TYR B 108 4.30 -24.08 20.04
C TYR B 108 3.84 -25.40 19.44
N LEU B 109 4.01 -26.47 20.22
CA LEU B 109 3.70 -27.82 19.77
C LEU B 109 2.64 -28.43 20.67
N GLY B 110 1.71 -29.17 20.06
CA GLY B 110 0.62 -29.77 20.80
C GLY B 110 1.04 -31.00 21.58
N GLN B 111 0.06 -31.55 22.31
CA GLN B 111 0.33 -32.75 23.10
C GLN B 111 0.71 -33.93 22.21
N GLY B 112 -0.05 -34.15 21.14
CA GLY B 112 0.28 -35.15 20.15
C GLY B 112 -0.71 -36.29 20.03
N THR B 113 -0.64 -37.03 18.94
CA THR B 113 -1.50 -38.18 18.70
C THR B 113 -0.76 -39.16 17.80
N GLN B 114 -1.18 -40.42 17.86
CA GLN B 114 -0.50 -41.49 17.14
C GLN B 114 -1.42 -42.05 16.05
N VAL B 115 -0.83 -42.38 14.91
CA VAL B 115 -1.54 -42.99 13.79
C VAL B 115 -0.74 -44.19 13.31
N THR B 116 -1.44 -45.26 12.95
CA THR B 116 -0.82 -46.48 12.47
C THR B 116 -1.68 -47.10 11.38
N VAL B 117 -1.06 -47.98 10.60
CA VAL B 117 -1.70 -48.59 9.44
C VAL B 117 -1.69 -50.10 9.62
N SER B 118 -2.59 -50.77 8.90
CA SER B 118 -2.70 -52.22 8.95
C SER B 118 -2.67 -52.82 7.55
#